data_1MR1
#
_entry.id   1MR1
#
_cell.length_a   109.8
_cell.length_b   109.8
_cell.length_c   141.1
_cell.angle_alpha   90
_cell.angle_beta   90
_cell.angle_gamma   120
#
_symmetry.space_group_name_H-M   'P 32 2 1'
#
loop_
_entity.id
_entity.type
_entity.pdbx_description
1 polymer 'Mothers against decapentaplegic homolog 4'
2 polymer 'Ski oncogene'
3 non-polymer 'ZINC ION'
4 water water
#
loop_
_entity_poly.entity_id
_entity_poly.type
_entity_poly.pdbx_seq_one_letter_code
_entity_poly.pdbx_strand_id
1 'polypeptide(L)'
;MAPEYWCSIAYFEMDVQVGETFKVPSSCPIVTVDGYVDPSGGDRFCLGQLSNVHRTEAIERARLHIGKGVQLECKGEGDV
WVRCLSDHAVFVQSYYLDREAGRAPGDAVHKIYPSAYIKVFDLRQCHRQMQQQAATAQAAAAAQAAAVAGNIPGPGSVGG
IAPAISLSAAAGIGVDDLRRLCILRMSFVKGWGPDYPRQSIKETPCWIEIHLHRALQLLDEVLHTMPIADPQPLD
;
A,B
2 'polypeptide(L)'
;GSHMRVYHECFGKCKGLLVPELYSSPSAACIQCLDCRLMYPPHKFVVHSHKALENRTCHWGFDSANWRAYILLSQDYTGK
EEQARLGRCLDDVKEKFDY
;
C,D
#
# COMPACT_ATOMS: atom_id res chain seq x y z
N ALA A 2 -27.30 -8.69 15.07
CA ALA A 2 -27.74 -8.52 16.49
C ALA A 2 -26.83 -7.53 17.21
N PRO A 3 -25.50 -7.71 17.08
CA PRO A 3 -24.54 -6.81 17.74
C PRO A 3 -24.44 -5.45 17.04
N GLU A 4 -24.89 -4.39 17.73
CA GLU A 4 -24.83 -3.04 17.18
C GLU A 4 -23.38 -2.79 16.76
N TYR A 5 -22.45 -3.23 17.59
CA TYR A 5 -21.02 -3.10 17.32
C TYR A 5 -20.46 -4.51 17.30
N TRP A 6 -19.52 -4.80 16.41
CA TRP A 6 -18.98 -6.17 16.38
C TRP A 6 -17.80 -6.40 17.30
N CYS A 7 -17.34 -5.34 17.95
CA CYS A 7 -16.22 -5.43 18.87
C CYS A 7 -15.93 -4.06 19.46
N SER A 8 -15.27 -4.04 20.61
CA SER A 8 -14.88 -2.78 21.23
C SER A 8 -13.41 -2.92 21.60
N ILE A 9 -12.65 -1.89 21.30
CA ILE A 9 -11.22 -1.88 21.52
C ILE A 9 -10.80 -0.94 22.64
N ALA A 10 -9.89 -1.40 23.49
CA ALA A 10 -9.38 -0.57 24.58
C ALA A 10 -7.85 -0.53 24.49
N TYR A 11 -7.31 0.66 24.38
CA TYR A 11 -5.86 0.87 24.26
C TYR A 11 -5.15 0.97 25.61
N PHE A 12 -3.92 0.48 25.69
CA PHE A 12 -3.15 0.52 26.93
C PHE A 12 -1.68 0.83 26.68
N GLU A 13 -1.06 1.57 27.57
CA GLU A 13 0.37 1.84 27.47
C GLU A 13 0.82 1.28 28.80
N MET A 14 1.52 0.15 28.77
CA MET A 14 1.92 -0.54 29.98
C MET A 14 0.59 -0.91 30.60
N ASP A 15 0.43 -0.69 31.90
CA ASP A 15 -0.84 -1.07 32.54
C ASP A 15 -1.82 0.08 32.81
N VAL A 16 -1.83 1.07 31.94
CA VAL A 16 -2.73 2.21 32.06
C VAL A 16 -3.55 2.31 30.78
N GLN A 17 -4.88 2.42 30.91
CA GLN A 17 -5.70 2.54 29.72
C GLN A 17 -5.70 3.97 29.22
N VAL A 18 -5.34 4.14 27.95
CA VAL A 18 -5.30 5.46 27.34
C VAL A 18 -6.45 5.62 26.36
N GLY A 19 -7.19 6.71 26.52
CA GLY A 19 -8.32 6.98 25.66
C GLY A 19 -9.56 6.20 26.08
N GLU A 20 -10.67 6.47 25.40
CA GLU A 20 -11.90 5.78 25.70
C GLU A 20 -12.02 4.55 24.84
N THR A 21 -12.67 3.52 25.35
CA THR A 21 -12.86 2.30 24.61
C THR A 21 -13.54 2.60 23.29
N PHE A 22 -12.85 2.30 22.21
CA PHE A 22 -13.37 2.53 20.86
C PHE A 22 -14.27 1.35 20.45
N LYS A 23 -15.53 1.64 20.16
CA LYS A 23 -16.49 0.62 19.75
C LYS A 23 -16.61 0.63 18.23
N VAL A 24 -16.48 -0.53 17.61
CA VAL A 24 -16.58 -0.63 16.16
C VAL A 24 -17.97 -1.11 15.76
N PRO A 25 -18.67 -0.32 14.93
CA PRO A 25 -20.02 -0.61 14.42
C PRO A 25 -20.05 -1.70 13.36
N SER A 26 -21.09 -2.53 13.37
CA SER A 26 -21.21 -3.60 12.39
C SER A 26 -21.15 -3.09 10.94
N SER A 27 -21.54 -1.83 10.74
CA SER A 27 -21.49 -1.27 9.39
C SER A 27 -20.02 -1.16 8.96
N CYS A 28 -19.10 -1.42 9.88
CA CYS A 28 -17.68 -1.34 9.58
C CYS A 28 -16.99 -2.66 9.88
N PRO A 29 -16.77 -3.47 8.84
CA PRO A 29 -16.11 -4.77 8.95
C PRO A 29 -14.64 -4.62 9.28
N ILE A 30 -14.01 -3.66 8.61
CA ILE A 30 -12.60 -3.37 8.80
C ILE A 30 -12.40 -2.09 9.57
N VAL A 31 -11.43 -2.10 10.47
CA VAL A 31 -11.11 -0.94 11.29
C VAL A 31 -9.59 -0.85 11.37
N THR A 32 -9.07 0.37 11.34
CA THR A 32 -7.63 0.58 11.41
C THR A 32 -7.23 1.18 12.73
N VAL A 33 -6.15 0.68 13.31
CA VAL A 33 -5.65 1.21 14.58
C VAL A 33 -4.21 1.62 14.31
N ASP A 34 -3.92 2.92 14.33
CA ASP A 34 -2.58 3.38 14.03
C ASP A 34 -2.09 4.50 14.93
N GLY A 35 -1.03 5.19 14.50
CA GLY A 35 -0.47 6.30 15.26
C GLY A 35 -0.28 7.57 14.44
N TYR A 36 -1.38 8.20 14.00
CA TYR A 36 -1.26 9.43 13.21
C TYR A 36 -2.13 10.65 13.58
N VAL A 37 -2.89 11.14 12.61
CA VAL A 37 -3.74 12.33 12.77
C VAL A 37 -5.14 12.16 13.34
N ASP A 38 -6.12 12.01 12.44
CA ASP A 38 -7.56 11.86 12.76
C ASP A 38 -7.94 11.63 14.24
N PRO A 39 -8.08 12.71 15.02
CA PRO A 39 -8.44 12.62 16.45
C PRO A 39 -9.89 12.20 16.73
N SER A 40 -10.61 11.84 15.67
CA SER A 40 -12.01 11.41 15.77
C SER A 40 -12.04 9.89 15.57
N GLY A 41 -12.53 9.46 14.40
CA GLY A 41 -12.56 8.03 14.12
C GLY A 41 -13.89 7.34 13.88
N GLY A 42 -14.08 6.90 12.63
CA GLY A 42 -15.29 6.18 12.26
C GLY A 42 -14.86 4.72 12.17
N ASP A 43 -13.90 4.46 11.29
CA ASP A 43 -13.32 3.14 11.09
C ASP A 43 -11.81 3.27 11.32
N ARG A 44 -11.43 4.33 12.04
CA ARG A 44 -10.05 4.64 12.36
C ARG A 44 -9.88 4.98 13.84
N PHE A 45 -9.17 4.14 14.58
CA PHE A 45 -8.92 4.39 15.99
C PHE A 45 -7.50 4.94 15.96
N CYS A 46 -7.36 6.26 16.11
CA CYS A 46 -6.04 6.89 16.07
C CYS A 46 -5.45 7.09 17.44
N LEU A 47 -4.24 6.60 17.61
CA LEU A 47 -3.52 6.67 18.87
C LEU A 47 -2.52 7.81 18.94
N GLY A 48 -2.23 8.44 17.81
CA GLY A 48 -1.24 9.50 17.79
C GLY A 48 -1.56 10.83 18.46
N GLN A 49 -2.79 10.99 18.91
CA GLN A 49 -3.20 12.23 19.55
C GLN A 49 -3.85 11.97 20.91
N LEU A 50 -3.46 10.88 21.56
CA LEU A 50 -4.00 10.50 22.85
C LEU A 50 -3.04 10.87 23.97
N SER A 51 -3.58 11.50 25.01
CA SER A 51 -2.80 11.91 26.17
C SER A 51 -2.61 10.78 27.17
N ASN A 52 -1.58 10.89 27.99
CA ASN A 52 -1.32 9.94 29.03
C ASN A 52 -0.24 10.48 29.95
N VAL A 53 -0.68 11.08 31.06
CA VAL A 53 0.23 11.65 32.06
C VAL A 53 1.32 10.67 32.46
N HIS A 54 0.99 9.38 32.49
CA HIS A 54 1.96 8.37 32.87
C HIS A 54 2.92 7.98 31.76
N ARG A 55 2.68 8.49 30.56
CA ARG A 55 3.55 8.15 29.45
C ARG A 55 4.99 8.50 29.76
N THR A 56 5.91 7.64 29.34
CA THR A 56 7.33 7.85 29.54
C THR A 56 8.04 7.97 28.21
N GLU A 57 9.18 8.64 28.22
CA GLU A 57 9.95 8.83 26.99
C GLU A 57 10.12 7.49 26.29
N ALA A 58 10.40 6.44 27.05
CA ALA A 58 10.59 5.12 26.48
C ALA A 58 9.34 4.62 25.78
N ILE A 59 8.18 5.02 26.26
CA ILE A 59 6.92 4.59 25.65
C ILE A 59 6.68 5.41 24.39
N GLU A 60 7.01 6.70 24.43
CA GLU A 60 6.87 7.55 23.26
C GLU A 60 7.66 6.95 22.10
N ARG A 61 8.82 6.39 22.40
CA ARG A 61 9.65 5.80 21.38
C ARG A 61 8.97 4.65 20.63
N ALA A 62 8.24 3.82 21.37
CA ALA A 62 7.54 2.70 20.75
C ALA A 62 6.34 3.19 19.94
N ARG A 63 5.71 4.27 20.39
CA ARG A 63 4.55 4.80 19.68
C ARG A 63 4.93 5.31 18.30
N LEU A 64 6.16 5.77 18.14
CA LEU A 64 6.59 6.29 16.85
C LEU A 64 6.77 5.18 15.82
N HIS A 65 6.92 3.94 16.30
CA HIS A 65 7.10 2.80 15.41
C HIS A 65 5.82 2.04 15.05
N ILE A 66 4.69 2.40 15.64
CA ILE A 66 3.46 1.70 15.28
C ILE A 66 2.80 2.35 14.09
N GLY A 67 3.63 2.79 13.15
CA GLY A 67 3.17 3.48 11.95
C GLY A 67 1.74 3.33 11.48
N LYS A 68 1.54 2.53 10.45
CA LYS A 68 0.21 2.34 9.93
C LYS A 68 -0.59 1.36 10.79
N GLY A 69 0.05 0.84 11.83
CA GLY A 69 -0.61 -0.09 12.74
C GLY A 69 -1.17 -1.37 12.13
N VAL A 70 -2.27 -1.82 12.70
CA VAL A 70 -2.92 -3.03 12.23
C VAL A 70 -4.27 -2.69 11.66
N GLN A 71 -4.86 -3.70 11.03
CA GLN A 71 -6.16 -3.58 10.45
C GLN A 71 -6.88 -4.80 10.99
N LEU A 72 -8.01 -4.55 11.64
CA LEU A 72 -8.82 -5.63 12.19
C LEU A 72 -10.00 -5.83 11.28
N GLU A 73 -10.17 -7.06 10.79
CA GLU A 73 -11.25 -7.37 9.88
C GLU A 73 -12.16 -8.50 10.33
N CYS A 74 -13.45 -8.22 10.37
CA CYS A 74 -14.48 -9.18 10.76
C CYS A 74 -15.08 -9.84 9.51
N LYS A 75 -14.98 -11.16 9.41
CA LYS A 75 -15.52 -11.90 8.27
C LYS A 75 -16.69 -12.76 8.71
N GLY A 76 -17.68 -12.88 7.84
CA GLY A 76 -18.83 -13.69 8.18
C GLY A 76 -19.56 -13.18 9.42
N GLU A 77 -20.04 -14.12 10.23
CA GLU A 77 -20.77 -13.77 11.43
C GLU A 77 -19.92 -13.10 12.50
N GLY A 78 -18.66 -13.51 12.63
CA GLY A 78 -17.80 -12.93 13.63
C GLY A 78 -16.40 -13.51 13.72
N ASP A 79 -15.81 -13.83 12.57
CA ASP A 79 -14.44 -14.33 12.53
C ASP A 79 -13.52 -13.14 12.35
N VAL A 80 -12.34 -13.19 12.96
CA VAL A 80 -11.44 -12.05 12.87
C VAL A 80 -10.11 -12.29 12.18
N TRP A 81 -9.65 -11.27 11.49
CA TRP A 81 -8.40 -11.29 10.76
C TRP A 81 -7.60 -10.04 11.07
N VAL A 82 -6.28 -10.19 11.04
CA VAL A 82 -5.37 -9.09 11.32
C VAL A 82 -4.42 -8.88 10.15
N ARG A 83 -4.26 -7.62 9.77
CA ARG A 83 -3.35 -7.25 8.69
C ARG A 83 -2.33 -6.28 9.29
N CYS A 84 -1.06 -6.67 9.29
CA CYS A 84 -0.01 -5.82 9.84
C CYS A 84 0.50 -4.77 8.84
N LEU A 85 0.03 -3.55 8.98
CA LEU A 85 0.44 -2.49 8.05
C LEU A 85 1.68 -1.79 8.57
N SER A 86 2.16 -2.18 9.74
CA SER A 86 3.32 -1.55 10.34
C SER A 86 4.65 -2.12 9.88
N ASP A 87 5.74 -1.36 10.07
CA ASP A 87 7.06 -1.83 9.66
C ASP A 87 7.57 -2.79 10.70
N HIS A 88 6.82 -2.88 11.78
CA HIS A 88 7.23 -3.76 12.86
C HIS A 88 6.12 -4.75 13.15
N ALA A 89 6.50 -6.01 13.33
CA ALA A 89 5.57 -7.09 13.61
C ALA A 89 4.64 -6.75 14.76
N VAL A 90 3.54 -7.47 14.83
CA VAL A 90 2.57 -7.25 15.88
C VAL A 90 2.46 -8.55 16.66
N PHE A 91 2.40 -8.49 17.99
CA PHE A 91 2.31 -9.72 18.77
C PHE A 91 0.91 -9.92 19.27
N VAL A 92 0.33 -11.05 18.91
CA VAL A 92 -1.05 -11.37 19.26
C VAL A 92 -1.22 -12.50 20.25
N GLN A 93 -2.33 -12.44 20.97
CA GLN A 93 -2.66 -13.48 21.92
C GLN A 93 -4.06 -14.01 21.55
N SER A 94 -4.11 -15.19 20.95
CA SER A 94 -5.40 -15.76 20.56
C SER A 94 -5.44 -17.25 20.73
N TYR A 95 -6.50 -17.74 21.36
CA TYR A 95 -6.66 -19.17 21.56
C TYR A 95 -6.74 -19.87 20.22
N TYR A 96 -7.22 -19.15 19.21
CA TYR A 96 -7.34 -19.72 17.88
C TYR A 96 -5.96 -20.13 17.41
N LEU A 97 -5.04 -19.16 17.38
CA LEU A 97 -3.69 -19.43 16.94
C LEU A 97 -3.02 -20.44 17.88
N ASP A 98 -3.24 -20.27 19.18
CA ASP A 98 -2.67 -21.18 20.17
C ASP A 98 -2.87 -22.61 19.68
N ARG A 99 -4.08 -22.90 19.21
CA ARG A 99 -4.40 -24.24 18.72
C ARG A 99 -3.79 -24.49 17.35
N GLU A 100 -4.29 -23.77 16.35
CA GLU A 100 -3.80 -23.91 14.99
C GLU A 100 -2.30 -24.12 15.00
N ALA A 101 -1.61 -23.36 15.84
CA ALA A 101 -0.17 -23.47 15.95
C ALA A 101 0.19 -24.90 16.34
N GLY A 102 -0.45 -25.40 17.39
CA GLY A 102 -0.19 -26.75 17.85
C GLY A 102 0.07 -26.80 19.34
N ARG A 103 0.15 -25.63 19.96
CA ARG A 103 0.42 -25.56 21.39
C ARG A 103 -0.84 -25.63 22.26
N ALA A 104 -0.62 -25.68 23.57
CA ALA A 104 -1.71 -25.76 24.54
C ALA A 104 -2.45 -24.44 24.68
N PRO A 105 -3.64 -24.49 25.29
CA PRO A 105 -4.45 -23.29 25.48
C PRO A 105 -3.62 -22.21 26.15
N GLY A 106 -3.68 -20.99 25.62
CA GLY A 106 -2.93 -19.88 26.18
C GLY A 106 -1.54 -20.29 26.64
N ASP A 107 -0.63 -20.46 25.68
CA ASP A 107 0.73 -20.87 26.00
C ASP A 107 1.62 -20.58 24.79
N ALA A 108 1.33 -19.47 24.13
CA ALA A 108 2.10 -19.10 22.97
C ALA A 108 1.80 -17.67 22.60
N VAL A 109 2.84 -16.96 22.17
CA VAL A 109 2.66 -15.59 21.72
C VAL A 109 2.91 -15.66 20.23
N HIS A 110 1.99 -15.11 19.46
CA HIS A 110 2.11 -15.17 18.03
C HIS A 110 2.58 -13.88 17.39
N LYS A 111 3.74 -14.00 16.74
CA LYS A 111 4.35 -12.87 16.05
C LYS A 111 3.81 -12.81 14.64
N ILE A 112 3.08 -11.76 14.36
CA ILE A 112 2.50 -11.55 13.05
C ILE A 112 3.39 -10.58 12.33
N TYR A 113 4.00 -11.03 11.25
CA TYR A 113 4.93 -10.19 10.50
C TYR A 113 4.37 -9.04 9.68
N PRO A 114 5.23 -8.09 9.34
CA PRO A 114 4.83 -6.93 8.53
C PRO A 114 4.12 -7.38 7.26
N SER A 115 3.02 -6.69 6.93
CA SER A 115 2.24 -6.98 5.75
C SER A 115 1.54 -8.33 5.75
N ALA A 116 1.78 -9.13 6.78
CA ALA A 116 1.11 -10.42 6.84
C ALA A 116 -0.37 -10.15 6.99
N TYR A 117 -1.18 -11.18 6.75
CA TYR A 117 -2.62 -11.06 6.84
C TYR A 117 -3.12 -12.38 7.39
N ILE A 118 -3.19 -12.47 8.71
CA ILE A 118 -3.59 -13.71 9.35
C ILE A 118 -4.95 -13.68 10.02
N LYS A 119 -5.61 -14.84 10.03
CA LYS A 119 -6.90 -15.00 10.67
C LYS A 119 -6.52 -15.35 12.12
N VAL A 120 -7.05 -14.61 13.08
CA VAL A 120 -6.67 -14.86 14.46
C VAL A 120 -7.81 -15.33 15.34
N PHE A 121 -9.01 -15.42 14.79
CA PHE A 121 -10.15 -15.83 15.58
C PHE A 121 -11.27 -16.44 14.75
N ASP A 122 -11.72 -17.61 15.17
CA ASP A 122 -12.80 -18.33 14.50
C ASP A 122 -13.99 -18.39 15.45
N LEU A 123 -15.14 -17.87 15.01
CA LEU A 123 -16.33 -17.83 15.84
C LEU A 123 -16.87 -19.22 16.25
N ARG A 124 -17.00 -20.10 15.27
CA ARG A 124 -17.50 -21.44 15.55
C ARG A 124 -16.61 -22.17 16.54
N GLN A 125 -15.33 -22.26 16.21
CA GLN A 125 -14.36 -22.94 17.08
C GLN A 125 -14.49 -22.40 18.49
N CYS A 126 -14.86 -21.13 18.58
CA CYS A 126 -15.03 -20.48 19.87
C CYS A 126 -16.30 -20.95 20.56
N HIS A 127 -17.40 -20.95 19.80
CA HIS A 127 -18.68 -21.38 20.34
C HIS A 127 -18.62 -22.84 20.79
N ARG A 128 -17.95 -23.67 20.01
CA ARG A 128 -17.84 -25.08 20.36
C ARG A 128 -17.01 -25.20 21.62
N GLN A 129 -15.78 -24.72 21.55
CA GLN A 129 -14.83 -24.77 22.67
C GLN A 129 -15.43 -24.17 23.94
N MET A 130 -16.29 -23.17 23.78
CA MET A 130 -16.94 -22.48 24.89
C MET A 130 -17.96 -23.38 25.61
N GLN A 131 -18.69 -24.17 24.82
CA GLN A 131 -19.67 -25.10 25.38
C GLN A 131 -18.92 -26.22 26.09
N GLN A 132 -17.82 -26.65 25.49
CA GLN A 132 -16.99 -27.71 26.05
C GLN A 132 -16.63 -27.41 27.50
N GLN A 133 -15.74 -26.45 27.70
CA GLN A 133 -15.28 -26.07 29.03
C GLN A 133 -16.42 -25.71 29.98
N ALA A 134 -17.55 -25.30 29.40
CA ALA A 134 -18.72 -24.93 30.20
C ALA A 134 -19.26 -26.19 30.86
N ALA A 135 -19.55 -27.19 30.04
CA ALA A 135 -20.07 -28.46 30.52
C ALA A 135 -19.02 -29.14 31.38
N THR A 136 -17.75 -28.85 31.08
CA THR A 136 -16.64 -29.41 31.84
C THR A 136 -16.75 -29.00 33.30
N ALA A 137 -17.02 -27.71 33.54
CA ALA A 137 -17.15 -27.17 34.90
C ALA A 137 -18.45 -27.66 35.53
N GLN A 138 -19.47 -27.79 34.70
CA GLN A 138 -20.76 -28.31 35.12
C GLN A 138 -20.39 -29.60 35.84
N ALA A 139 -19.37 -30.28 35.32
CA ALA A 139 -18.92 -31.54 35.91
C ALA A 139 -17.80 -31.29 36.89
N ALA A 140 -18.26 -31.00 38.11
CA ALA A 140 -17.48 -30.74 39.30
C ALA A 140 -18.53 -31.09 40.33
N ALA A 141 -18.61 -32.38 40.64
CA ALA A 141 -19.55 -32.92 41.61
C ALA A 141 -18.76 -33.27 42.86
N ALA A 142 -19.35 -32.90 43.99
CA ALA A 142 -18.77 -33.14 45.31
C ALA A 142 -19.88 -33.71 46.17
N ALA A 143 -19.63 -33.75 47.46
CA ALA A 143 -20.62 -34.25 48.41
C ALA A 143 -19.97 -34.38 49.78
N GLN A 144 -20.46 -35.33 50.57
CA GLN A 144 -19.97 -35.58 51.93
C GLN A 144 -19.84 -37.08 52.23
N VAL A 175 -16.61 -18.19 35.27
CA VAL A 175 -17.37 -17.66 34.09
C VAL A 175 -16.48 -16.75 33.25
N ASP A 176 -15.58 -16.02 33.92
CA ASP A 176 -14.67 -15.11 33.24
C ASP A 176 -13.59 -15.90 32.51
N ASP A 177 -13.54 -17.20 32.79
CA ASP A 177 -12.59 -18.07 32.13
C ASP A 177 -13.11 -18.29 30.73
N LEU A 178 -14.41 -18.08 30.55
CA LEU A 178 -15.03 -18.28 29.26
C LEU A 178 -14.90 -17.07 28.36
N ARG A 179 -14.71 -15.88 28.93
CA ARG A 179 -14.58 -14.74 28.06
C ARG A 179 -13.16 -14.43 27.62
N ARG A 180 -12.25 -15.35 27.94
CA ARG A 180 -10.86 -15.19 27.54
C ARG A 180 -10.84 -15.70 26.10
N LEU A 181 -11.79 -16.59 25.79
CA LEU A 181 -11.91 -17.20 24.47
C LEU A 181 -12.54 -16.24 23.47
N CYS A 182 -13.28 -15.26 23.99
CA CYS A 182 -13.96 -14.25 23.19
C CYS A 182 -13.14 -12.97 23.18
N ILE A 183 -11.86 -13.06 23.49
CA ILE A 183 -11.03 -11.88 23.53
C ILE A 183 -9.70 -11.98 22.80
N LEU A 184 -9.22 -10.85 22.28
CA LEU A 184 -7.95 -10.81 21.57
C LEU A 184 -7.06 -9.74 22.16
N ARG A 185 -5.81 -10.08 22.45
CA ARG A 185 -4.90 -9.10 22.98
C ARG A 185 -3.72 -9.07 22.02
N MET A 186 -3.31 -7.87 21.63
CA MET A 186 -2.18 -7.80 20.72
C MET A 186 -1.32 -6.61 21.03
N SER A 187 -0.01 -6.82 20.97
CA SER A 187 0.96 -5.77 21.25
C SER A 187 1.47 -5.22 19.92
N PHE A 188 1.78 -3.92 19.91
CA PHE A 188 2.22 -3.26 18.70
C PHE A 188 3.65 -3.30 18.23
N VAL A 189 4.65 -3.18 19.11
CA VAL A 189 6.02 -3.24 18.58
C VAL A 189 6.93 -4.12 19.42
N LYS A 190 6.49 -4.38 20.64
CA LYS A 190 7.25 -5.19 21.55
C LYS A 190 6.55 -6.51 21.88
N GLY A 191 7.25 -7.61 21.61
CA GLY A 191 6.71 -8.92 21.92
C GLY A 191 6.78 -9.11 23.43
N TRP A 192 6.31 -10.26 23.89
CA TRP A 192 6.34 -10.52 25.30
C TRP A 192 6.25 -12.02 25.44
N GLY A 193 7.07 -12.58 26.33
CA GLY A 193 7.04 -14.00 26.54
C GLY A 193 8.41 -14.55 26.88
N PRO A 194 8.57 -15.86 26.82
CA PRO A 194 9.83 -16.55 27.13
C PRO A 194 10.99 -16.02 26.31
N ASP A 195 10.70 -15.58 25.09
CA ASP A 195 11.76 -15.08 24.23
C ASP A 195 12.02 -13.59 24.33
N TYR A 196 11.41 -12.94 25.29
CA TYR A 196 11.61 -11.50 25.43
C TYR A 196 11.71 -11.03 26.87
N PRO A 197 12.22 -9.82 27.05
CA PRO A 197 12.37 -9.21 28.38
C PRO A 197 11.06 -8.87 29.09
N ARG A 198 9.92 -9.03 28.41
CA ARG A 198 8.62 -8.74 29.03
C ARG A 198 7.83 -9.99 29.32
N GLN A 199 7.34 -10.10 30.55
CA GLN A 199 6.61 -11.30 30.95
C GLN A 199 5.15 -11.34 30.51
N SER A 200 4.45 -10.20 30.62
CA SER A 200 3.07 -10.16 30.18
C SER A 200 2.82 -8.92 29.35
N ILE A 201 1.79 -9.02 28.52
CA ILE A 201 1.42 -7.93 27.64
C ILE A 201 1.29 -6.60 28.40
N LYS A 202 0.99 -6.64 29.70
CA LYS A 202 0.83 -5.42 30.46
C LYS A 202 2.15 -4.70 30.71
N GLU A 203 3.24 -5.28 30.20
CA GLU A 203 4.56 -4.66 30.36
C GLU A 203 4.98 -3.99 29.06
N THR A 204 4.25 -4.28 27.99
CA THR A 204 4.53 -3.70 26.68
C THR A 204 4.07 -2.25 26.70
N PRO A 205 4.75 -1.38 25.92
CA PRO A 205 4.47 0.05 25.81
C PRO A 205 3.16 0.44 25.18
N CYS A 206 2.61 -0.41 24.33
CA CYS A 206 1.34 -0.09 23.70
C CYS A 206 0.67 -1.28 23.07
N TRP A 207 -0.47 -1.65 23.62
CA TRP A 207 -1.24 -2.76 23.12
C TRP A 207 -2.73 -2.44 23.22
N ILE A 208 -3.55 -3.34 22.72
CA ILE A 208 -5.00 -3.15 22.72
C ILE A 208 -5.75 -4.42 23.09
N GLU A 209 -6.88 -4.29 23.76
CA GLU A 209 -7.66 -5.47 24.11
C GLU A 209 -8.93 -5.43 23.27
N ILE A 210 -9.24 -6.56 22.66
CA ILE A 210 -10.39 -6.66 21.79
C ILE A 210 -11.44 -7.65 22.24
N HIS A 211 -12.66 -7.14 22.44
CA HIS A 211 -13.77 -7.97 22.85
C HIS A 211 -14.67 -8.15 21.63
N LEU A 212 -14.76 -9.37 21.13
CA LEU A 212 -15.64 -9.61 20.01
C LEU A 212 -17.02 -9.76 20.63
N HIS A 213 -17.94 -8.89 20.24
CA HIS A 213 -19.29 -8.90 20.78
C HIS A 213 -20.13 -10.15 20.42
N ARG A 214 -20.03 -10.58 19.18
CA ARG A 214 -20.79 -11.75 18.74
C ARG A 214 -20.40 -12.96 19.58
N ALA A 215 -19.10 -13.13 19.77
CA ALA A 215 -18.59 -14.25 20.57
C ALA A 215 -19.04 -14.02 22.01
N LEU A 216 -19.14 -12.77 22.41
CA LEU A 216 -19.57 -12.49 23.77
C LEU A 216 -21.04 -12.87 23.97
N GLN A 217 -21.85 -12.72 22.91
CA GLN A 217 -23.26 -13.08 22.99
C GLN A 217 -23.36 -14.59 23.22
N LEU A 218 -22.68 -15.37 22.37
CA LEU A 218 -22.72 -16.81 22.51
C LEU A 218 -22.37 -17.21 23.93
N LEU A 219 -21.40 -16.53 24.52
CA LEU A 219 -21.01 -16.81 25.89
C LEU A 219 -22.23 -16.63 26.77
N ASP A 220 -22.89 -15.49 26.61
CA ASP A 220 -24.09 -15.15 27.35
C ASP A 220 -25.26 -16.01 26.91
N GLU A 221 -24.97 -16.96 26.03
CA GLU A 221 -26.00 -17.84 25.53
C GLU A 221 -25.69 -19.24 26.00
N VAL A 222 -24.43 -19.61 25.96
CA VAL A 222 -24.02 -20.93 26.40
C VAL A 222 -24.32 -21.09 27.89
N LEU A 223 -24.51 -19.96 28.58
CA LEU A 223 -24.81 -20.00 30.01
C LEU A 223 -26.32 -19.98 30.28
N HIS A 224 -27.05 -19.14 29.55
CA HIS A 224 -28.50 -19.08 29.71
C HIS A 224 -29.06 -20.43 29.26
N THR A 225 -28.57 -20.89 28.10
CA THR A 225 -29.01 -22.14 27.48
C THR A 225 -28.51 -23.38 28.18
N MET A 226 -27.37 -23.28 28.83
CA MET A 226 -26.76 -24.39 29.56
C MET A 226 -27.75 -25.29 30.32
N ALA B 2 -10.04 29.16 -31.15
CA ALA B 2 -9.39 30.50 -30.98
C ALA B 2 -7.97 30.37 -30.42
N PRO B 3 -7.76 29.50 -29.42
CA PRO B 3 -6.42 29.33 -28.84
C PRO B 3 -5.48 28.68 -29.86
N GLU B 4 -4.36 29.33 -30.14
CA GLU B 4 -3.39 28.81 -31.09
C GLU B 4 -3.10 27.33 -30.77
N TYR B 5 -2.82 27.06 -29.49
CA TYR B 5 -2.55 25.70 -29.01
C TYR B 5 -3.58 25.43 -27.94
N TRP B 6 -4.02 24.19 -27.80
CA TRP B 6 -5.01 23.92 -26.78
C TRP B 6 -4.39 23.65 -25.41
N CYS B 7 -3.10 23.34 -25.39
CA CYS B 7 -2.38 23.08 -24.14
C CYS B 7 -0.87 23.03 -24.31
N SER B 8 -0.17 23.17 -23.19
CA SER B 8 1.29 23.13 -23.16
C SER B 8 1.73 22.12 -22.11
N ILE B 9 2.72 21.29 -22.46
CA ILE B 9 3.20 20.25 -21.57
C ILE B 9 4.65 20.42 -21.12
N ALA B 10 4.83 20.47 -19.81
CA ALA B 10 6.14 20.62 -19.20
C ALA B 10 6.54 19.29 -18.53
N TYR B 11 7.68 18.75 -18.91
CA TYR B 11 8.17 17.48 -18.36
C TYR B 11 9.20 17.68 -17.26
N PHE B 12 9.11 16.86 -16.22
CA PHE B 12 10.04 16.94 -15.09
C PHE B 12 10.55 15.59 -14.60
N GLU B 13 11.78 15.62 -14.10
CA GLU B 13 12.44 14.48 -13.51
C GLU B 13 12.90 15.05 -12.18
N MET B 14 12.09 14.80 -11.15
CA MET B 14 12.41 15.26 -9.82
C MET B 14 12.61 16.77 -9.85
N ASP B 15 11.54 17.52 -9.68
CA ASP B 15 11.63 18.99 -9.65
C ASP B 15 12.47 19.74 -10.71
N VAL B 16 13.27 19.04 -11.50
CA VAL B 16 14.08 19.69 -12.54
C VAL B 16 13.38 19.52 -13.88
N GLN B 17 13.04 20.62 -14.54
CA GLN B 17 12.39 20.50 -15.83
C GLN B 17 13.35 20.06 -16.92
N VAL B 18 13.11 18.87 -17.46
CA VAL B 18 13.92 18.31 -18.53
C VAL B 18 13.23 18.66 -19.84
N GLY B 19 14.01 18.88 -20.89
CA GLY B 19 13.43 19.24 -22.18
C GLY B 19 12.76 20.62 -22.11
N GLU B 20 12.26 21.09 -23.25
CA GLU B 20 11.62 22.39 -23.33
C GLU B 20 10.12 22.17 -23.39
N THR B 21 9.35 23.05 -22.74
CA THR B 21 7.89 22.92 -22.74
C THR B 21 7.39 22.59 -24.14
N PHE B 22 6.34 21.78 -24.21
CA PHE B 22 5.77 21.36 -25.49
C PHE B 22 4.37 21.91 -25.73
N LYS B 23 4.21 22.59 -26.85
CA LYS B 23 2.92 23.18 -27.19
C LYS B 23 2.16 22.35 -28.22
N VAL B 24 0.94 21.97 -27.84
CA VAL B 24 0.07 21.16 -28.69
C VAL B 24 -0.82 22.02 -29.58
N PRO B 25 -0.54 22.03 -30.90
CA PRO B 25 -1.30 22.80 -31.89
C PRO B 25 -2.78 22.48 -31.82
N SER B 26 -3.61 23.52 -31.81
CA SER B 26 -5.06 23.34 -31.75
C SER B 26 -5.50 22.31 -32.78
N SER B 27 -4.82 22.29 -33.92
CA SER B 27 -5.15 21.36 -35.00
C SER B 27 -5.02 19.91 -34.53
N CYS B 28 -3.99 19.63 -33.74
CA CYS B 28 -3.77 18.29 -33.21
C CYS B 28 -4.57 18.13 -31.93
N PRO B 29 -5.62 17.30 -31.96
CA PRO B 29 -6.51 17.03 -30.82
C PRO B 29 -5.95 15.98 -29.86
N ILE B 30 -5.20 15.02 -30.38
CA ILE B 30 -4.61 13.98 -29.56
C ILE B 30 -3.10 14.03 -29.68
N VAL B 31 -2.44 14.01 -28.52
CA VAL B 31 -0.98 14.03 -28.48
C VAL B 31 -0.48 12.83 -27.65
N THR B 32 0.63 12.25 -28.08
CA THR B 32 1.22 11.11 -27.41
C THR B 32 2.49 11.56 -26.69
N VAL B 33 2.65 11.14 -25.45
CA VAL B 33 3.83 11.47 -24.67
C VAL B 33 4.43 10.11 -24.28
N ASP B 34 5.64 9.82 -24.77
CA ASP B 34 6.28 8.54 -24.47
C ASP B 34 7.81 8.57 -24.32
N GLY B 35 8.41 7.38 -24.22
CA GLY B 35 9.85 7.26 -24.06
C GLY B 35 10.55 6.67 -25.27
N TYR B 36 10.41 7.33 -26.42
CA TYR B 36 11.03 6.83 -27.63
C TYR B 36 12.00 7.81 -28.29
N VAL B 37 12.62 7.36 -29.37
CA VAL B 37 13.59 8.18 -30.08
C VAL B 37 13.11 8.67 -31.45
N ASP B 38 12.39 9.80 -31.45
CA ASP B 38 11.86 10.45 -32.65
C ASP B 38 10.72 11.41 -32.32
N PRO B 39 11.02 12.56 -31.69
CA PRO B 39 9.97 13.52 -31.33
C PRO B 39 9.33 14.23 -32.53
N SER B 40 8.16 13.74 -32.93
CA SER B 40 7.42 14.29 -34.07
C SER B 40 7.00 15.75 -33.85
N GLY B 41 7.17 16.23 -32.63
CA GLY B 41 6.83 17.61 -32.28
C GLY B 41 5.43 18.11 -32.63
N GLY B 42 4.62 17.25 -33.24
CA GLY B 42 3.28 17.67 -33.60
C GLY B 42 2.24 16.84 -32.91
N ASP B 43 2.40 15.53 -33.00
CA ASP B 43 1.46 14.60 -32.39
C ASP B 43 2.17 13.68 -31.40
N ARG B 44 3.49 13.79 -31.33
CA ARG B 44 4.29 12.95 -30.43
C ARG B 44 5.36 13.73 -29.68
N PHE B 45 5.21 13.78 -28.36
CA PHE B 45 6.16 14.45 -27.49
C PHE B 45 7.01 13.30 -26.94
N CYS B 46 8.17 13.06 -27.56
CA CYS B 46 9.06 11.97 -27.16
C CYS B 46 10.10 12.33 -26.11
N LEU B 47 9.87 11.93 -24.87
CA LEU B 47 10.78 12.22 -23.76
C LEU B 47 12.08 11.41 -23.80
N GLY B 48 12.06 10.30 -24.54
CA GLY B 48 13.24 9.45 -24.63
C GLY B 48 14.38 10.02 -25.45
N GLN B 49 14.42 11.34 -25.56
CA GLN B 49 15.45 12.01 -26.34
C GLN B 49 16.04 13.12 -25.48
N LEU B 50 15.22 13.62 -24.57
CA LEU B 50 15.62 14.69 -23.66
C LEU B 50 16.74 14.22 -22.73
N SER B 51 17.65 15.14 -22.41
CA SER B 51 18.77 14.83 -21.55
C SER B 51 18.68 15.62 -20.26
N ASN B 52 19.48 15.24 -19.28
CA ASN B 52 19.49 15.92 -18.00
C ASN B 52 20.70 15.48 -17.20
N VAL B 53 21.49 16.45 -16.75
CA VAL B 53 22.69 16.17 -15.98
C VAL B 53 22.38 15.64 -14.59
N HIS B 54 21.26 16.09 -14.03
CA HIS B 54 20.82 15.70 -12.70
C HIS B 54 20.13 14.33 -12.66
N ARG B 55 20.20 13.60 -13.77
CA ARG B 55 19.56 12.30 -13.85
C ARG B 55 20.33 11.19 -13.14
N THR B 56 19.61 10.35 -12.40
CA THR B 56 20.20 9.23 -11.68
C THR B 56 19.78 7.93 -12.35
N GLU B 57 20.36 6.81 -11.89
CA GLU B 57 20.02 5.51 -12.46
C GLU B 57 18.57 5.22 -12.06
N ALA B 58 18.23 5.55 -10.83
CA ALA B 58 16.89 5.30 -10.31
C ALA B 58 15.85 5.95 -11.21
N ILE B 59 16.27 6.96 -11.97
CA ILE B 59 15.35 7.64 -12.85
C ILE B 59 15.43 7.05 -14.26
N GLU B 60 16.62 6.69 -14.71
CA GLU B 60 16.75 6.09 -16.03
C GLU B 60 15.76 4.93 -16.06
N ARG B 61 15.81 4.12 -15.01
CA ARG B 61 14.93 2.96 -14.87
C ARG B 61 13.46 3.37 -15.02
N ALA B 62 13.04 4.36 -14.23
CA ALA B 62 11.67 4.84 -14.29
C ALA B 62 11.27 5.13 -15.74
N ARG B 63 12.06 5.95 -16.40
CA ARG B 63 11.82 6.32 -17.80
C ARG B 63 11.70 5.08 -18.68
N LEU B 64 12.56 4.09 -18.44
CA LEU B 64 12.52 2.87 -19.23
C LEU B 64 11.18 2.14 -19.10
N HIS B 65 10.38 2.51 -18.09
CA HIS B 65 9.09 1.87 -17.89
C HIS B 65 7.90 2.68 -18.40
N ILE B 66 8.11 3.89 -18.86
CA ILE B 66 6.95 4.63 -19.33
C ILE B 66 6.46 3.98 -20.62
N GLY B 67 7.40 3.62 -21.48
CA GLY B 67 7.05 2.98 -22.74
C GLY B 67 6.19 3.81 -23.68
N LYS B 68 5.06 3.26 -24.08
CA LYS B 68 4.15 3.95 -24.97
C LYS B 68 3.54 5.19 -24.33
N GLY B 69 3.78 5.35 -23.04
CA GLY B 69 3.27 6.51 -22.32
C GLY B 69 1.79 6.76 -22.38
N VAL B 70 1.40 7.99 -22.73
CA VAL B 70 -0.02 8.32 -22.81
C VAL B 70 -0.44 9.12 -24.03
N GLN B 71 -1.75 9.17 -24.20
CA GLN B 71 -2.37 9.92 -25.28
C GLN B 71 -3.24 10.94 -24.57
N LEU B 72 -2.91 12.22 -24.75
CA LEU B 72 -3.71 13.30 -24.16
C LEU B 72 -4.66 13.69 -25.27
N GLU B 73 -5.92 13.92 -24.94
CA GLU B 73 -6.90 14.23 -25.97
C GLU B 73 -7.88 15.34 -25.67
N CYS B 74 -8.07 16.21 -26.66
CA CYS B 74 -8.98 17.34 -26.55
C CYS B 74 -10.36 17.03 -27.16
N LYS B 75 -11.39 17.29 -26.37
CA LYS B 75 -12.77 17.10 -26.79
C LYS B 75 -13.55 18.35 -26.41
N GLY B 76 -14.82 18.43 -26.80
CA GLY B 76 -15.62 19.60 -26.50
C GLY B 76 -14.84 20.85 -26.91
N GLU B 77 -15.02 21.95 -26.20
CA GLU B 77 -14.26 23.14 -26.55
C GLU B 77 -12.87 22.95 -25.95
N GLY B 78 -12.79 22.10 -24.93
CA GLY B 78 -11.50 21.85 -24.30
C GLY B 78 -11.45 20.89 -23.13
N ASP B 79 -12.29 19.86 -23.12
CA ASP B 79 -12.25 18.87 -22.05
C ASP B 79 -11.09 17.96 -22.40
N VAL B 80 -10.49 17.32 -21.40
CA VAL B 80 -9.36 16.45 -21.71
C VAL B 80 -9.59 14.99 -21.30
N TRP B 81 -9.09 14.09 -22.14
CA TRP B 81 -9.21 12.66 -21.89
C TRP B 81 -7.81 12.08 -21.88
N VAL B 82 -7.65 10.98 -21.15
CA VAL B 82 -6.36 10.32 -21.04
C VAL B 82 -6.43 8.83 -21.32
N ARG B 83 -5.47 8.36 -22.09
CA ARG B 83 -5.42 6.95 -22.39
C ARG B 83 -4.04 6.47 -22.00
N CYS B 84 -4.02 5.44 -21.16
CA CYS B 84 -2.77 4.89 -20.68
C CYS B 84 -2.35 3.78 -21.60
N LEU B 85 -1.37 4.06 -22.44
CA LEU B 85 -0.84 3.09 -23.39
C LEU B 85 0.34 2.33 -22.82
N SER B 86 0.83 2.83 -21.69
CA SER B 86 1.97 2.23 -21.00
C SER B 86 1.58 0.94 -20.32
N ASP B 87 2.56 0.09 -20.02
CA ASP B 87 2.25 -1.15 -19.35
C ASP B 87 2.18 -0.88 -17.86
N HIS B 88 2.39 0.39 -17.52
CA HIS B 88 2.39 0.84 -16.13
C HIS B 88 1.45 2.03 -15.93
N ALA B 89 0.55 1.89 -14.95
CA ALA B 89 -0.41 2.94 -14.64
C ALA B 89 0.19 4.33 -14.55
N VAL B 90 -0.70 5.31 -14.65
CA VAL B 90 -0.34 6.70 -14.62
C VAL B 90 -1.14 7.34 -13.49
N PHE B 91 -0.46 8.14 -12.68
CA PHE B 91 -1.10 8.80 -11.56
C PHE B 91 -1.39 10.24 -11.87
N VAL B 92 -2.65 10.61 -11.79
CA VAL B 92 -3.08 11.95 -12.14
C VAL B 92 -3.66 12.77 -11.00
N GLN B 93 -3.40 14.08 -11.04
CA GLN B 93 -3.90 15.06 -10.07
C GLN B 93 -4.91 15.90 -10.86
N SER B 94 -6.20 15.69 -10.59
CA SER B 94 -7.25 16.43 -11.30
C SER B 94 -8.47 16.70 -10.42
N TYR B 95 -8.78 17.98 -10.25
CA TYR B 95 -9.92 18.38 -9.44
C TYR B 95 -11.21 17.76 -9.98
N TYR B 96 -11.24 17.50 -11.28
CA TYR B 96 -12.42 16.91 -11.90
C TYR B 96 -12.58 15.47 -11.45
N LEU B 97 -11.48 14.77 -11.27
CA LEU B 97 -11.57 13.39 -10.82
C LEU B 97 -11.84 13.42 -9.33
N ASP B 98 -11.18 14.35 -8.63
CA ASP B 98 -11.37 14.52 -7.21
C ASP B 98 -12.88 14.54 -6.98
N ARG B 99 -13.57 15.39 -7.73
CA ARG B 99 -15.02 15.51 -7.61
C ARG B 99 -15.73 14.20 -7.92
N GLU B 100 -15.60 13.72 -9.16
CA GLU B 100 -16.23 12.48 -9.55
C GLU B 100 -15.99 11.41 -8.49
N ALA B 101 -14.78 11.41 -7.94
CA ALA B 101 -14.38 10.46 -6.92
C ALA B 101 -15.25 10.58 -5.68
N GLY B 102 -15.74 11.79 -5.44
CA GLY B 102 -16.58 12.02 -4.27
C GLY B 102 -15.72 12.40 -3.09
N ARG B 103 -14.66 13.16 -3.36
CA ARG B 103 -13.75 13.60 -2.31
C ARG B 103 -13.44 15.09 -2.50
N ALA B 104 -12.87 15.71 -1.48
CA ALA B 104 -12.53 17.11 -1.56
C ALA B 104 -11.32 17.28 -2.47
N PRO B 105 -11.19 18.48 -3.08
CA PRO B 105 -10.10 18.83 -3.99
C PRO B 105 -8.70 18.58 -3.44
N GLY B 106 -7.84 18.05 -4.29
CA GLY B 106 -6.46 17.76 -3.92
C GLY B 106 -6.31 16.60 -2.94
N ASP B 107 -7.41 16.20 -2.34
CA ASP B 107 -7.42 15.13 -1.34
C ASP B 107 -7.13 13.71 -1.84
N ALA B 108 -7.01 13.52 -3.15
CA ALA B 108 -6.75 12.19 -3.67
C ALA B 108 -5.97 12.13 -4.96
N VAL B 109 -5.17 11.06 -5.10
CA VAL B 109 -4.39 10.83 -6.31
C VAL B 109 -5.12 9.72 -7.05
N HIS B 110 -5.25 9.86 -8.36
CA HIS B 110 -5.96 8.88 -9.15
C HIS B 110 -5.06 8.06 -10.03
N LYS B 111 -5.28 6.75 -9.98
CA LYS B 111 -4.51 5.79 -10.75
C LYS B 111 -5.25 5.37 -12.01
N ILE B 112 -4.68 5.74 -13.16
CA ILE B 112 -5.26 5.39 -14.44
C ILE B 112 -4.56 4.12 -14.93
N TYR B 113 -5.28 3.01 -14.85
CA TYR B 113 -4.76 1.69 -15.21
C TYR B 113 -4.35 1.55 -16.67
N PRO B 114 -3.44 0.61 -16.94
CA PRO B 114 -3.01 0.42 -18.33
C PRO B 114 -4.26 0.15 -19.20
N SER B 115 -4.25 0.72 -20.41
CA SER B 115 -5.37 0.54 -21.33
C SER B 115 -6.64 1.26 -20.90
N ALA B 116 -6.60 1.95 -19.77
CA ALA B 116 -7.80 2.64 -19.36
C ALA B 116 -7.96 3.88 -20.24
N TYR B 117 -9.18 4.38 -20.32
CA TYR B 117 -9.46 5.56 -21.10
C TYR B 117 -10.36 6.42 -20.23
N ILE B 118 -9.76 7.38 -19.52
CA ILE B 118 -10.51 8.24 -18.61
C ILE B 118 -10.50 9.74 -18.94
N LYS B 119 -11.60 10.38 -18.60
CA LYS B 119 -11.80 11.81 -18.79
C LYS B 119 -11.22 12.44 -17.52
N VAL B 120 -10.29 13.38 -17.69
CA VAL B 120 -9.66 14.01 -16.54
C VAL B 120 -9.93 15.51 -16.38
N PHE B 121 -10.73 16.07 -17.28
CA PHE B 121 -11.05 17.49 -17.25
C PHE B 121 -12.33 17.83 -18.02
N ASP B 122 -13.24 18.55 -17.38
CA ASP B 122 -14.49 18.98 -18.01
C ASP B 122 -14.55 20.50 -18.00
N LEU B 123 -14.08 21.11 -19.08
CA LEU B 123 -14.05 22.57 -19.22
C LEU B 123 -15.20 23.33 -18.54
N ARG B 124 -16.44 23.03 -18.90
CA ARG B 124 -17.57 23.73 -18.30
C ARG B 124 -17.56 23.65 -16.77
N GLN B 125 -17.30 22.46 -16.23
CA GLN B 125 -17.26 22.30 -14.78
C GLN B 125 -16.14 23.17 -14.22
N CYS B 126 -15.12 23.43 -15.04
CA CYS B 126 -14.00 24.26 -14.61
C CYS B 126 -14.43 25.72 -14.55
N HIS B 127 -14.96 26.23 -15.65
CA HIS B 127 -15.44 27.60 -15.73
C HIS B 127 -16.49 27.80 -14.65
N ARG B 128 -17.54 26.98 -14.71
CA ARG B 128 -18.63 27.02 -13.74
C ARG B 128 -18.09 27.18 -12.32
N GLN B 129 -16.93 26.58 -12.07
CA GLN B 129 -16.29 26.65 -10.76
C GLN B 129 -15.55 27.96 -10.56
N MET B 130 -14.95 28.46 -11.64
CA MET B 130 -14.20 29.72 -11.58
C MET B 130 -15.10 30.90 -11.21
N GLN B 131 -16.37 30.83 -11.60
CA GLN B 131 -17.30 31.90 -11.32
C GLN B 131 -18.03 31.77 -9.99
N GLN B 132 -18.41 30.54 -9.64
CA GLN B 132 -19.10 30.32 -8.38
C GLN B 132 -18.14 30.64 -7.23
N GLN B 133 -17.06 31.33 -7.56
CA GLN B 133 -16.03 31.72 -6.60
C GLN B 133 -15.95 33.25 -6.47
N ALA B 134 -17.05 33.93 -6.79
CA ALA B 134 -17.11 35.39 -6.71
C ALA B 134 -17.15 35.83 -5.24
N ALA B 135 -17.13 34.84 -4.35
CA ALA B 135 -17.16 35.09 -2.92
C ALA B 135 -15.73 35.34 -2.45
N VAL B 175 -5.85 35.31 -7.99
CA VAL B 175 -5.35 35.06 -9.37
C VAL B 175 -4.66 33.70 -9.47
N ASP B 176 -4.13 33.22 -8.34
CA ASP B 176 -3.44 31.94 -8.29
C ASP B 176 -4.42 30.77 -8.20
N ASP B 177 -5.08 30.63 -7.05
CA ASP B 177 -6.05 29.56 -6.83
C ASP B 177 -6.77 29.17 -8.11
N LEU B 178 -7.12 30.16 -8.91
CA LEU B 178 -7.82 29.91 -10.16
C LEU B 178 -7.03 29.03 -11.13
N ARG B 179 -5.79 29.40 -11.41
CA ARG B 179 -4.98 28.61 -12.34
C ARG B 179 -4.68 27.20 -11.83
N ARG B 180 -5.29 26.83 -10.71
CA ARG B 180 -5.11 25.51 -10.12
C ARG B 180 -6.11 24.54 -10.74
N LEU B 181 -7.26 25.07 -11.12
CA LEU B 181 -8.33 24.28 -11.73
C LEU B 181 -8.09 24.09 -13.22
N CYS B 182 -7.20 24.90 -13.78
CA CYS B 182 -6.89 24.85 -15.21
C CYS B 182 -5.59 24.11 -15.46
N ILE B 183 -5.18 23.29 -14.51
CA ILE B 183 -3.95 22.53 -14.63
C ILE B 183 -4.10 21.07 -14.27
N LEU B 184 -3.46 20.23 -15.08
CA LEU B 184 -3.46 18.78 -14.92
C LEU B 184 -2.04 18.33 -14.62
N ARG B 185 -1.91 17.30 -13.80
CA ARG B 185 -0.61 16.76 -13.44
C ARG B 185 -0.63 15.24 -13.36
N MET B 186 0.48 14.62 -13.75
CA MET B 186 0.55 13.17 -13.70
C MET B 186 1.95 12.57 -13.78
N SER B 187 2.14 11.48 -13.05
CA SER B 187 3.42 10.77 -13.00
C SER B 187 3.32 9.52 -13.84
N PHE B 188 4.44 9.12 -14.44
CA PHE B 188 4.44 7.96 -15.31
C PHE B 188 4.47 6.54 -14.77
N VAL B 189 4.86 6.35 -13.52
CA VAL B 189 4.86 4.98 -13.01
C VAL B 189 4.84 4.91 -11.50
N LYS B 190 5.24 6.01 -10.87
CA LYS B 190 5.29 6.08 -9.42
C LYS B 190 4.19 6.99 -8.92
N GLY B 191 3.42 6.49 -7.97
CA GLY B 191 2.36 7.31 -7.39
C GLY B 191 3.02 8.15 -6.30
N TRP B 192 2.27 9.08 -5.73
CA TRP B 192 2.83 9.90 -4.69
C TRP B 192 1.72 10.29 -3.75
N GLY B 193 2.09 10.94 -2.65
CA GLY B 193 1.09 11.36 -1.70
C GLY B 193 1.32 10.76 -0.34
N PRO B 194 0.37 10.97 0.59
CA PRO B 194 0.41 10.48 1.97
C PRO B 194 0.87 9.03 2.16
N ASP B 195 0.08 8.09 1.65
CA ASP B 195 0.40 6.68 1.82
C ASP B 195 1.56 6.17 0.97
N TYR B 196 2.03 6.99 0.04
CA TYR B 196 3.13 6.59 -0.83
C TYR B 196 4.51 7.00 -0.31
N PRO B 197 5.56 6.27 -0.73
CA PRO B 197 6.90 6.62 -0.27
C PRO B 197 7.16 8.08 -0.61
N ARG B 198 6.81 8.46 -1.82
CA ARG B 198 6.98 9.83 -2.29
C ARG B 198 5.76 10.60 -1.81
N GLN B 199 6.00 11.70 -1.11
CA GLN B 199 4.90 12.48 -0.57
C GLN B 199 4.37 13.53 -1.53
N SER B 200 5.22 14.00 -2.43
CA SER B 200 4.85 15.02 -3.39
C SER B 200 5.31 14.65 -4.78
N ILE B 201 4.57 15.11 -5.79
CA ILE B 201 4.90 14.82 -7.17
C ILE B 201 6.31 15.26 -7.53
N LYS B 202 6.84 16.21 -6.78
CA LYS B 202 8.19 16.73 -7.03
C LYS B 202 9.21 15.62 -6.78
N GLU B 203 8.74 14.54 -6.18
CA GLU B 203 9.57 13.40 -5.84
C GLU B 203 9.52 12.23 -6.81
N THR B 204 8.57 12.26 -7.75
CA THR B 204 8.45 11.19 -8.73
C THR B 204 9.45 11.39 -9.88
N PRO B 205 10.10 10.31 -10.32
CA PRO B 205 11.08 10.38 -11.40
C PRO B 205 10.62 10.91 -12.76
N CYS B 206 9.40 10.58 -13.17
CA CYS B 206 8.89 11.02 -14.47
C CYS B 206 7.49 11.58 -14.41
N TRP B 207 7.36 12.90 -14.43
CA TRP B 207 6.03 13.48 -14.40
C TRP B 207 5.96 14.71 -15.29
N ILE B 208 4.74 15.11 -15.62
CA ILE B 208 4.54 16.25 -16.48
C ILE B 208 3.46 17.17 -15.92
N GLU B 209 3.48 18.42 -16.37
CA GLU B 209 2.48 19.38 -15.95
C GLU B 209 1.83 19.89 -17.22
N ILE B 210 0.51 19.79 -17.27
CA ILE B 210 -0.24 20.19 -18.45
C ILE B 210 -1.03 21.47 -18.22
N HIS B 211 -0.81 22.46 -19.08
CA HIS B 211 -1.54 23.72 -18.97
C HIS B 211 -2.62 23.75 -20.03
N LEU B 212 -3.87 23.84 -19.59
CA LEU B 212 -5.00 23.88 -20.50
C LEU B 212 -5.27 25.32 -20.89
N HIS B 213 -4.74 25.69 -22.06
CA HIS B 213 -4.88 27.03 -22.61
C HIS B 213 -6.29 27.58 -22.66
N ARG B 214 -7.20 26.84 -23.27
CA ARG B 214 -8.57 27.29 -23.37
C ARG B 214 -9.10 27.53 -21.95
N ALA B 215 -8.74 26.65 -21.02
CA ALA B 215 -9.17 26.80 -19.64
C ALA B 215 -8.68 28.13 -19.10
N LEU B 216 -7.41 28.43 -19.37
CA LEU B 216 -6.81 29.67 -18.92
C LEU B 216 -7.50 30.87 -19.56
N GLN B 217 -7.83 30.76 -20.84
CA GLN B 217 -8.50 31.86 -21.52
C GLN B 217 -9.76 32.25 -20.76
N LEU B 218 -10.56 31.25 -20.41
CA LEU B 218 -11.80 31.51 -19.68
C LEU B 218 -11.55 31.91 -18.24
N LEU B 219 -10.28 32.06 -17.87
CA LEU B 219 -9.92 32.47 -16.51
C LEU B 219 -10.07 33.99 -16.49
N ASP B 220 -9.45 34.63 -17.48
CA ASP B 220 -9.49 36.09 -17.62
C ASP B 220 -10.91 36.59 -17.84
N GLU B 221 -11.69 35.91 -18.69
CA GLU B 221 -13.06 36.32 -18.96
C GLU B 221 -13.91 36.34 -17.69
N VAL B 222 -13.26 36.14 -16.55
CA VAL B 222 -13.94 36.15 -15.26
C VAL B 222 -13.36 37.35 -14.51
N LEU B 223 -12.06 37.55 -14.69
CA LEU B 223 -11.33 38.65 -14.07
C LEU B 223 -11.73 39.96 -14.71
N HIS B 224 -12.06 39.91 -16.00
CA HIS B 224 -12.45 41.10 -16.75
C HIS B 224 -13.94 41.36 -16.78
N THR B 225 -14.71 40.49 -16.14
CA THR B 225 -16.16 40.66 -16.08
C THR B 225 -16.40 41.51 -14.84
N MET B 226 -15.98 40.99 -13.70
CA MET B 226 -16.11 41.69 -12.43
C MET B 226 -15.25 41.07 -11.37
N PRO B 227 -14.03 41.61 -11.20
CA PRO B 227 -13.11 41.07 -10.20
C PRO B 227 -13.38 41.70 -8.84
N ILE B 228 -14.00 40.92 -7.95
CA ILE B 228 -14.35 41.35 -6.59
C ILE B 228 -13.75 40.45 -5.51
N ALA B 229 -13.65 41.00 -4.31
CA ALA B 229 -13.10 40.31 -3.16
C ALA B 229 -14.10 40.56 -2.05
N ASP B 230 -13.68 41.34 -1.05
CA ASP B 230 -14.56 41.65 0.08
C ASP B 230 -13.94 42.21 1.37
N PRO B 231 -12.88 43.07 1.31
CA PRO B 231 -12.31 43.59 2.56
C PRO B 231 -13.34 43.62 3.71
N GLN B 232 -14.29 44.54 3.60
CA GLN B 232 -15.35 44.64 4.60
C GLN B 232 -16.65 44.81 3.82
N PRO B 233 -17.57 43.84 3.93
CA PRO B 233 -18.86 43.89 3.23
C PRO B 233 -19.57 45.25 3.25
N SER C 2 6.63 -24.66 -18.35
CA SER C 2 6.36 -24.59 -16.88
C SER C 2 7.24 -23.51 -16.21
N HIS C 3 6.65 -22.75 -15.29
CA HIS C 3 7.32 -21.66 -14.55
C HIS C 3 7.58 -20.45 -15.44
N MET C 4 7.21 -19.27 -14.94
CA MET C 4 7.45 -18.02 -15.66
C MET C 4 7.11 -16.95 -14.65
N ARG C 5 8.13 -16.28 -14.13
CA ARG C 5 7.86 -15.23 -13.16
C ARG C 5 6.96 -14.23 -13.83
N VAL C 6 5.80 -14.02 -13.25
CA VAL C 6 4.85 -13.09 -13.82
C VAL C 6 4.28 -12.31 -12.65
N TYR C 7 3.80 -11.11 -12.91
CA TYR C 7 3.25 -10.32 -11.83
C TYR C 7 2.29 -9.29 -12.38
N HIS C 8 1.48 -8.72 -11.50
CA HIS C 8 0.56 -7.70 -11.93
C HIS C 8 0.48 -6.71 -10.80
N GLU C 9 0.28 -5.44 -11.11
CA GLU C 9 0.21 -4.44 -10.07
C GLU C 9 -1.12 -3.71 -9.95
N CYS C 10 -2.20 -4.46 -10.10
CA CYS C 10 -3.52 -3.86 -9.99
C CYS C 10 -3.84 -3.92 -8.52
N PHE C 11 -4.42 -2.84 -7.98
CA PHE C 11 -4.79 -2.81 -6.57
C PHE C 11 -3.63 -3.23 -5.66
N GLY C 12 -3.91 -4.20 -4.78
CA GLY C 12 -2.93 -4.73 -3.84
C GLY C 12 -1.66 -5.27 -4.48
N LYS C 13 -1.76 -5.78 -5.70
CA LYS C 13 -0.63 -6.33 -6.45
C LYS C 13 -0.34 -7.78 -6.07
N CYS C 14 0.24 -8.52 -7.00
CA CYS C 14 0.54 -9.92 -6.74
C CYS C 14 1.49 -10.53 -7.76
N LYS C 15 2.15 -11.62 -7.37
CA LYS C 15 3.09 -12.28 -8.27
C LYS C 15 2.82 -13.76 -8.30
N GLY C 16 3.06 -14.38 -9.45
CA GLY C 16 2.80 -15.79 -9.53
C GLY C 16 3.51 -16.50 -10.64
N LEU C 17 3.16 -17.75 -10.80
CA LEU C 17 3.80 -18.56 -11.82
C LEU C 17 2.86 -18.90 -12.95
N LEU C 18 3.15 -18.45 -14.16
CA LEU C 18 2.27 -18.82 -15.27
C LEU C 18 2.79 -20.16 -15.70
N VAL C 19 1.91 -21.04 -16.13
CA VAL C 19 2.36 -22.35 -16.56
C VAL C 19 1.66 -22.61 -17.88
N PRO C 20 2.26 -22.10 -18.97
CA PRO C 20 1.76 -22.20 -20.35
C PRO C 20 1.02 -23.48 -20.59
N GLU C 21 1.64 -24.61 -20.24
CA GLU C 21 1.04 -25.91 -20.44
C GLU C 21 -0.35 -26.15 -19.83
N LEU C 22 -0.79 -25.28 -18.93
CA LEU C 22 -2.10 -25.45 -18.34
C LEU C 22 -3.15 -24.56 -18.99
N TYR C 23 -2.69 -23.58 -19.75
CA TYR C 23 -3.58 -22.63 -20.43
C TYR C 23 -4.19 -23.27 -21.69
N SER C 24 -5.05 -24.26 -21.48
CA SER C 24 -5.67 -24.99 -22.58
C SER C 24 -7.04 -24.47 -22.93
N SER C 25 -7.51 -23.49 -22.15
CA SER C 25 -8.82 -22.91 -22.39
C SER C 25 -8.90 -21.47 -21.87
N PRO C 26 -9.74 -20.65 -22.51
CA PRO C 26 -9.92 -19.24 -22.12
C PRO C 26 -9.97 -19.11 -20.63
N SER C 27 -10.50 -20.12 -19.94
CA SER C 27 -10.64 -20.03 -18.48
C SER C 27 -9.94 -21.00 -17.56
N ALA C 28 -8.79 -21.54 -17.92
CA ALA C 28 -8.19 -22.46 -16.96
C ALA C 28 -7.21 -21.80 -16.00
N ALA C 29 -7.29 -22.18 -14.72
CA ALA C 29 -6.38 -21.66 -13.70
C ALA C 29 -4.98 -22.16 -14.04
N CYS C 30 -4.19 -21.29 -14.66
CA CYS C 30 -2.84 -21.64 -15.08
C CYS C 30 -1.75 -20.76 -14.46
N ILE C 31 -2.13 -19.89 -13.53
CA ILE C 31 -1.14 -19.01 -12.88
C ILE C 31 -1.21 -19.38 -11.41
N GLN C 32 -0.07 -19.54 -10.77
CA GLN C 32 -0.07 -19.89 -9.36
C GLN C 32 0.34 -18.73 -8.48
N CYS C 33 -0.48 -18.39 -7.50
CA CYS C 33 -0.16 -17.30 -6.60
C CYS C 33 1.08 -17.69 -5.84
N LEU C 34 2.11 -16.85 -5.91
CA LEU C 34 3.35 -17.18 -5.21
C LEU C 34 3.23 -17.00 -3.70
N ASP C 35 2.14 -16.38 -3.25
CA ASP C 35 1.92 -16.20 -1.81
C ASP C 35 1.13 -17.37 -1.23
N CYS C 36 -0.03 -17.63 -1.80
CA CYS C 36 -0.89 -18.71 -1.34
C CYS C 36 -0.83 -20.01 -2.14
N ARG C 37 0.09 -20.09 -3.09
CA ARG C 37 0.26 -21.30 -3.90
C ARG C 37 -1.00 -21.83 -4.61
N LEU C 38 -2.06 -21.04 -4.68
CA LEU C 38 -3.25 -21.52 -5.36
C LEU C 38 -3.27 -21.13 -6.84
N MET C 39 -3.96 -21.93 -7.65
CA MET C 39 -4.05 -21.69 -9.09
C MET C 39 -5.19 -20.76 -9.50
N TYR C 40 -4.88 -19.78 -10.34
CA TYR C 40 -5.89 -18.85 -10.80
C TYR C 40 -5.81 -18.69 -12.31
N PRO C 41 -6.94 -18.31 -12.92
CA PRO C 41 -7.03 -18.07 -14.36
C PRO C 41 -6.65 -16.61 -14.57
N PRO C 42 -6.06 -16.27 -15.73
CA PRO C 42 -5.66 -14.89 -16.03
C PRO C 42 -6.56 -13.78 -15.50
N HIS C 43 -7.82 -13.77 -15.93
CA HIS C 43 -8.71 -12.72 -15.47
C HIS C 43 -8.93 -12.69 -13.96
N LYS C 44 -8.94 -13.84 -13.31
CA LYS C 44 -9.13 -13.84 -11.86
C LYS C 44 -7.86 -13.50 -11.07
N PHE C 45 -6.70 -13.64 -11.71
CA PHE C 45 -5.40 -13.35 -11.08
C PHE C 45 -5.19 -11.86 -10.84
N VAL C 46 -5.64 -11.03 -11.79
CA VAL C 46 -5.47 -9.59 -11.67
C VAL C 46 -6.35 -8.92 -10.61
N VAL C 47 -7.26 -9.64 -9.98
CA VAL C 47 -8.08 -9.07 -8.93
C VAL C 47 -7.63 -9.73 -7.64
N HIS C 48 -6.68 -10.64 -7.78
CA HIS C 48 -6.17 -11.36 -6.64
C HIS C 48 -4.97 -10.64 -6.03
N SER C 49 -4.96 -10.53 -4.71
CA SER C 49 -3.89 -9.86 -3.99
C SER C 49 -3.92 -10.19 -2.50
N HIS C 50 -2.75 -10.17 -1.87
CA HIS C 50 -2.65 -10.45 -0.44
C HIS C 50 -2.24 -9.16 0.26
N LYS C 51 -1.51 -8.32 -0.47
CA LYS C 51 -1.03 -7.06 0.07
C LYS C 51 -2.14 -6.04 0.30
N ALA C 52 -1.81 -4.99 1.04
CA ALA C 52 -2.76 -3.92 1.36
C ALA C 52 -2.84 -2.89 0.23
N LEU C 53 -3.93 -2.13 0.23
CA LEU C 53 -4.17 -1.11 -0.78
C LEU C 53 -3.96 0.31 -0.23
N GLU C 54 -2.94 1.00 -0.73
CA GLU C 54 -2.65 2.37 -0.30
C GLU C 54 -3.89 3.26 -0.30
N ASN C 55 -3.90 4.29 0.55
CA ASN C 55 -5.04 5.18 0.66
C ASN C 55 -4.86 6.41 -0.20
N ARG C 56 -5.93 7.23 -0.27
CA ARG C 56 -5.94 8.45 -1.06
C ARG C 56 -5.72 8.08 -2.52
N THR C 57 -6.08 6.85 -2.86
CA THR C 57 -5.91 6.37 -4.22
C THR C 57 -7.22 5.96 -4.86
N CYS C 58 -7.57 6.62 -5.95
CA CYS C 58 -8.79 6.29 -6.67
C CYS C 58 -8.39 5.40 -7.84
N HIS C 59 -9.01 4.24 -8.02
CA HIS C 59 -8.60 3.41 -9.13
C HIS C 59 -9.52 3.55 -10.32
N TRP C 60 -8.96 3.94 -11.47
CA TRP C 60 -9.74 4.13 -12.66
C TRP C 60 -9.38 3.27 -13.86
N GLY C 61 -10.42 2.72 -14.47
CA GLY C 61 -10.27 1.90 -15.66
C GLY C 61 -9.85 0.47 -15.45
N PHE C 62 -10.20 -0.15 -14.33
CA PHE C 62 -9.80 -1.53 -14.13
C PHE C 62 -10.83 -2.51 -14.63
N ASP C 63 -10.40 -3.43 -15.48
CA ASP C 63 -11.32 -4.42 -16.02
C ASP C 63 -10.52 -5.72 -16.04
N SER C 64 -10.95 -6.74 -15.30
CA SER C 64 -10.20 -7.98 -15.29
C SER C 64 -10.12 -8.55 -16.70
N ALA C 65 -11.01 -8.05 -17.54
CA ALA C 65 -11.06 -8.43 -18.94
C ALA C 65 -9.84 -7.89 -19.69
N ASN C 66 -9.10 -6.98 -19.06
CA ASN C 66 -7.91 -6.41 -19.69
C ASN C 66 -6.61 -6.93 -19.11
N TRP C 67 -6.68 -8.07 -18.44
CA TRP C 67 -5.50 -8.63 -17.81
C TRP C 67 -4.31 -8.78 -18.72
N ARG C 68 -4.52 -8.73 -20.03
CA ARG C 68 -3.40 -8.84 -20.95
C ARG C 68 -2.56 -7.58 -20.87
N ALA C 69 -3.17 -6.50 -20.44
CA ALA C 69 -2.46 -5.25 -20.29
C ALA C 69 -1.83 -5.24 -18.88
N TYR C 70 -2.34 -6.09 -18.01
CA TYR C 70 -1.91 -6.15 -16.62
C TYR C 70 -0.76 -7.08 -16.28
N ILE C 71 -0.91 -8.35 -16.62
CA ILE C 71 0.11 -9.33 -16.32
C ILE C 71 1.38 -9.10 -17.13
N LEU C 72 2.49 -8.89 -16.43
CA LEU C 72 3.78 -8.65 -17.07
C LEU C 72 4.82 -9.70 -16.69
N LEU C 73 5.86 -9.81 -17.51
CA LEU C 73 6.97 -10.73 -17.26
C LEU C 73 7.84 -10.09 -16.18
N SER C 74 8.17 -10.87 -15.15
CA SER C 74 8.93 -10.39 -14.01
C SER C 74 10.18 -9.57 -14.26
N GLN C 75 10.44 -8.71 -13.27
CA GLN C 75 11.57 -7.79 -13.24
C GLN C 75 12.88 -8.49 -12.95
N ASP C 76 12.80 -9.72 -12.46
CA ASP C 76 14.02 -10.42 -12.11
C ASP C 76 14.72 -11.14 -13.24
N TYR C 77 14.04 -11.31 -14.37
CA TYR C 77 14.67 -12.04 -15.46
C TYR C 77 16.01 -11.49 -15.95
N THR C 78 16.03 -10.20 -16.27
CA THR C 78 17.26 -9.53 -16.70
C THR C 78 18.44 -10.45 -17.14
N GLY C 79 18.19 -11.28 -18.15
CA GLY C 79 19.19 -12.18 -18.71
C GLY C 79 18.83 -12.28 -20.18
N LYS C 80 19.00 -11.14 -20.87
CA LYS C 80 18.67 -10.94 -22.31
C LYS C 80 18.24 -12.05 -23.31
N GLU C 81 18.75 -13.27 -23.25
CA GLU C 81 18.26 -14.28 -24.17
C GLU C 81 16.96 -14.72 -23.55
N GLU C 82 17.04 -15.03 -22.27
CA GLU C 82 15.89 -15.50 -21.54
C GLU C 82 14.73 -14.52 -21.51
N GLN C 83 15.02 -13.23 -21.37
CA GLN C 83 13.94 -12.23 -21.33
C GLN C 83 13.15 -12.17 -22.62
N ALA C 84 13.75 -12.68 -23.68
CA ALA C 84 13.11 -12.69 -24.99
C ALA C 84 12.19 -13.88 -25.18
N ARG C 85 12.69 -15.08 -24.86
CA ARG C 85 11.88 -16.29 -25.01
C ARG C 85 10.65 -16.17 -24.16
N LEU C 86 10.88 -15.80 -22.91
CA LEU C 86 9.82 -15.68 -21.95
C LEU C 86 8.85 -14.56 -22.24
N GLY C 87 9.38 -13.46 -22.77
CA GLY C 87 8.50 -12.36 -23.14
C GLY C 87 7.72 -12.81 -24.36
N ARG C 88 8.41 -13.48 -25.26
CA ARG C 88 7.78 -13.98 -26.46
C ARG C 88 6.67 -14.94 -26.04
N CYS C 89 6.96 -15.84 -25.11
CA CYS C 89 5.99 -16.83 -24.67
C CYS C 89 4.80 -16.21 -23.96
N LEU C 90 5.05 -15.19 -23.15
CA LEU C 90 3.97 -14.52 -22.41
C LEU C 90 3.04 -13.88 -23.42
N ASP C 91 3.61 -13.20 -24.41
CA ASP C 91 2.80 -12.56 -25.44
C ASP C 91 1.92 -13.56 -26.16
N ASP C 92 2.50 -14.70 -26.51
CA ASP C 92 1.75 -15.74 -27.19
C ASP C 92 0.64 -16.27 -26.30
N VAL C 93 0.86 -16.25 -24.99
CA VAL C 93 -0.14 -16.72 -24.05
C VAL C 93 -1.30 -15.76 -24.09
N LYS C 94 -0.96 -14.48 -24.18
CA LYS C 94 -1.97 -13.43 -24.21
C LYS C 94 -2.77 -13.41 -25.49
N GLU C 95 -2.11 -13.76 -26.59
CA GLU C 95 -2.73 -13.79 -27.89
C GLU C 95 -3.45 -15.08 -28.19
N LYS C 96 -3.23 -16.11 -27.37
CA LYS C 96 -3.86 -17.41 -27.63
C LYS C 96 -5.36 -17.41 -27.84
N PHE C 97 -6.11 -17.03 -26.82
CA PHE C 97 -7.56 -17.01 -26.93
C PHE C 97 -8.09 -15.60 -26.94
N ASP C 98 -7.28 -14.64 -27.33
CA ASP C 98 -7.76 -13.25 -27.34
C ASP C 98 -9.15 -13.20 -28.00
N HIS D 3 27.43 4.03 2.64
CA HIS D 3 26.04 3.97 2.08
C HIS D 3 24.87 3.68 3.01
N MET D 4 24.23 2.52 2.88
CA MET D 4 23.05 2.26 3.71
C MET D 4 23.25 1.44 4.97
N ARG D 5 22.81 1.97 6.10
CA ARG D 5 22.90 1.25 7.37
C ARG D 5 21.56 0.57 7.42
N VAL D 6 21.54 -0.76 7.45
CA VAL D 6 20.26 -1.46 7.40
C VAL D 6 20.05 -2.50 8.51
N TYR D 7 18.79 -2.82 8.78
CA TYR D 7 18.47 -3.81 9.81
C TYR D 7 17.12 -4.49 9.64
N HIS D 8 16.94 -5.57 10.39
CA HIS D 8 15.70 -6.31 10.32
C HIS D 8 15.48 -7.04 11.63
N GLU D 9 14.21 -7.31 11.93
CA GLU D 9 13.84 -7.97 13.16
C GLU D 9 13.09 -9.24 12.88
N CYS D 10 13.65 -10.14 12.08
CA CYS D 10 12.89 -11.35 11.77
C CYS D 10 12.98 -12.49 12.78
N PHE D 11 13.87 -13.44 12.61
CA PHE D 11 13.93 -14.49 13.63
C PHE D 11 15.09 -14.16 14.57
N GLY D 12 14.99 -12.96 15.13
CA GLY D 12 16.00 -12.42 16.00
C GLY D 12 16.07 -11.01 15.44
N LYS D 13 17.26 -10.57 15.06
CA LYS D 13 17.45 -9.24 14.45
C LYS D 13 18.82 -9.31 13.85
N CYS D 14 19.12 -8.37 12.99
CA CYS D 14 20.43 -8.31 12.39
C CYS D 14 20.63 -6.95 11.80
N LYS D 15 21.90 -6.58 11.66
CA LYS D 15 22.22 -5.28 11.10
C LYS D 15 23.12 -5.51 9.93
N GLY D 16 23.20 -4.52 9.06
CA GLY D 16 24.06 -4.70 7.92
C GLY D 16 24.31 -3.45 7.15
N LEU D 17 25.03 -3.66 6.06
CA LEU D 17 25.37 -2.58 5.19
C LEU D 17 24.74 -2.83 3.80
N LEU D 18 23.86 -1.94 3.36
CA LEU D 18 23.31 -2.12 2.03
C LEU D 18 24.30 -1.30 1.22
N VAL D 19 24.79 -1.88 0.14
CA VAL D 19 25.76 -1.23 -0.74
C VAL D 19 25.10 -1.17 -2.10
N PRO D 20 24.27 -0.14 -2.31
CA PRO D 20 23.52 0.11 -3.54
C PRO D 20 24.24 -0.38 -4.80
N GLU D 21 25.43 0.16 -5.04
CA GLU D 21 26.20 -0.18 -6.22
C GLU D 21 26.44 -1.68 -6.46
N LEU D 22 26.11 -2.53 -5.51
CA LEU D 22 26.32 -3.97 -5.70
C LEU D 22 25.03 -4.71 -6.07
N TYR D 23 23.90 -4.09 -5.74
CA TYR D 23 22.60 -4.68 -6.03
C TYR D 23 22.26 -4.53 -7.50
N SER D 24 22.90 -5.33 -8.36
CA SER D 24 22.66 -5.24 -9.80
C SER D 24 22.09 -6.54 -10.40
N SER D 25 21.21 -7.19 -9.64
CA SER D 25 20.54 -8.44 -10.04
C SER D 25 19.83 -8.91 -8.80
N PRO D 26 18.62 -9.49 -8.96
CA PRO D 26 17.82 -9.99 -7.84
C PRO D 26 18.64 -10.84 -6.87
N SER D 27 19.55 -11.65 -7.41
CA SER D 27 20.36 -12.52 -6.55
C SER D 27 21.72 -12.03 -6.07
N ALA D 28 21.98 -10.75 -6.22
CA ALA D 28 23.27 -10.17 -5.85
C ALA D 28 23.44 -9.85 -4.38
N ALA D 29 24.28 -10.62 -3.71
CA ALA D 29 24.56 -10.41 -2.30
C ALA D 29 25.12 -8.99 -2.16
N CYS D 30 24.26 -8.07 -1.74
CA CYS D 30 24.63 -6.68 -1.59
C CYS D 30 24.46 -6.14 -0.16
N ILE D 31 24.04 -6.99 0.77
CA ILE D 31 23.91 -6.54 2.16
C ILE D 31 24.96 -7.34 2.92
N GLN D 32 25.77 -6.65 3.70
CA GLN D 32 26.79 -7.34 4.45
C GLN D 32 26.49 -7.31 5.92
N CYS D 33 26.43 -8.48 6.53
CA CYS D 33 26.15 -8.55 7.96
C CYS D 33 27.22 -7.75 8.67
N LEU D 34 26.81 -7.02 9.69
CA LEU D 34 27.78 -6.23 10.44
C LEU D 34 28.40 -7.05 11.57
N ASP D 35 28.19 -8.35 11.55
CA ASP D 35 28.72 -9.23 12.56
C ASP D 35 29.66 -10.26 11.95
N CYS D 36 29.17 -11.01 10.96
CA CYS D 36 30.02 -12.00 10.30
C CYS D 36 30.75 -11.34 9.14
N ARG D 37 30.31 -10.13 8.79
CA ARG D 37 30.91 -9.36 7.72
C ARG D 37 30.71 -9.95 6.31
N LEU D 38 29.97 -11.06 6.22
CA LEU D 38 29.71 -11.68 4.93
C LEU D 38 28.64 -10.93 4.11
N MET D 39 28.56 -11.25 2.82
CA MET D 39 27.60 -10.63 1.92
C MET D 39 26.35 -11.47 1.83
N TYR D 40 25.20 -10.81 1.83
CA TYR D 40 23.91 -11.50 1.74
C TYR D 40 22.96 -10.89 0.73
N PRO D 41 22.26 -11.75 -0.03
CA PRO D 41 21.30 -11.25 -1.01
C PRO D 41 20.14 -10.80 -0.13
N PRO D 42 19.49 -9.67 -0.45
CA PRO D 42 18.38 -9.18 0.36
C PRO D 42 17.42 -10.22 0.93
N HIS D 43 17.10 -11.25 0.16
CA HIS D 43 16.13 -12.23 0.66
C HIS D 43 16.72 -13.31 1.55
N LYS D 44 18.04 -13.36 1.66
CA LYS D 44 18.68 -14.36 2.53
C LYS D 44 19.10 -13.63 3.79
N PHE D 45 19.39 -12.33 3.65
CA PHE D 45 19.78 -11.48 4.77
C PHE D 45 18.67 -11.45 5.81
N VAL D 46 17.44 -11.63 5.32
CA VAL D 46 16.23 -11.62 6.14
C VAL D 46 16.01 -12.91 6.93
N VAL D 47 16.84 -13.90 6.69
CA VAL D 47 16.74 -15.12 7.47
C VAL D 47 18.10 -15.32 8.12
N HIS D 48 18.75 -14.20 8.39
CA HIS D 48 20.04 -14.27 9.04
C HIS D 48 20.10 -13.37 10.27
N SER D 49 19.89 -13.96 11.43
CA SER D 49 19.99 -13.23 12.70
C SER D 49 21.23 -13.92 13.23
N HIS D 50 21.96 -13.29 14.13
CA HIS D 50 23.15 -13.96 14.65
C HIS D 50 22.78 -14.46 16.04
N LYS D 51 22.88 -15.76 16.25
CA LYS D 51 22.57 -16.34 17.58
C LYS D 51 21.30 -15.81 18.21
N ALA D 52 20.87 -14.63 17.80
CA ALA D 52 19.64 -14.10 18.33
C ALA D 52 18.79 -15.24 17.83
N LEU D 53 18.03 -15.83 18.72
CA LEU D 53 17.18 -16.95 18.31
C LEU D 53 15.85 -16.35 18.71
N GLU D 54 14.77 -17.11 18.65
CA GLU D 54 13.46 -16.56 19.02
C GLU D 54 12.49 -17.67 18.69
N ASN D 55 12.79 -18.82 19.26
CA ASN D 55 12.07 -20.05 19.04
C ASN D 55 11.04 -20.57 20.05
N ARG D 56 10.19 -19.71 20.59
CA ARG D 56 9.16 -20.16 21.51
C ARG D 56 7.98 -19.24 21.29
N THR D 57 8.07 -18.56 20.16
CA THR D 57 7.10 -17.60 19.68
C THR D 57 6.74 -18.14 18.30
N CYS D 58 5.46 -18.14 17.96
CA CYS D 58 5.06 -18.63 16.64
C CYS D 58 5.08 -17.52 15.62
N HIS D 59 5.81 -17.73 14.53
CA HIS D 59 5.90 -16.70 13.51
C HIS D 59 4.87 -16.91 12.40
N TRP D 60 4.00 -15.94 12.18
CA TRP D 60 3.01 -16.09 11.13
C TRP D 60 3.12 -15.09 9.98
N GLY D 61 3.16 -15.63 8.76
CA GLY D 61 3.24 -14.80 7.60
C GLY D 61 4.64 -14.39 7.24
N PHE D 62 5.66 -15.09 7.73
CA PHE D 62 7.00 -14.70 7.34
C PHE D 62 7.22 -15.20 5.93
N ASP D 63 7.34 -14.30 4.98
CA ASP D 63 7.61 -14.72 3.62
C ASP D 63 8.96 -14.09 3.35
N SER D 64 9.89 -14.88 2.84
CA SER D 64 11.21 -14.35 2.58
C SER D 64 11.17 -13.40 1.39
N ALA D 65 10.20 -13.62 0.52
CA ALA D 65 10.01 -12.80 -0.67
C ALA D 65 9.44 -11.46 -0.25
N ASN D 66 8.86 -11.43 0.94
CA ASN D 66 8.29 -10.20 1.46
C ASN D 66 9.33 -9.37 2.21
N TRP D 67 10.61 -9.63 1.89
CA TRP D 67 11.72 -8.93 2.51
C TRP D 67 11.73 -7.41 2.37
N ARG D 68 11.03 -6.85 1.38
CA ARG D 68 11.00 -5.40 1.21
C ARG D 68 10.22 -4.71 2.32
N ALA D 69 9.50 -5.51 3.11
CA ALA D 69 8.72 -4.99 4.23
C ALA D 69 9.52 -5.21 5.52
N TYR D 70 10.57 -6.01 5.40
CA TYR D 70 11.37 -6.38 6.55
C TYR D 70 12.62 -5.55 6.79
N ILE D 71 13.35 -5.25 5.72
CA ILE D 71 14.58 -4.50 5.82
C ILE D 71 14.33 -3.01 5.98
N LEU D 72 14.81 -2.44 7.09
CA LEU D 72 14.61 -1.03 7.40
C LEU D 72 15.88 -0.22 7.61
N LEU D 73 15.76 1.10 7.50
CA LEU D 73 16.86 2.05 7.66
C LEU D 73 17.23 2.19 9.12
N SER D 74 18.52 2.05 9.42
CA SER D 74 19.00 2.15 10.81
C SER D 74 18.32 3.29 11.54
N GLN D 75 18.24 3.12 12.86
CA GLN D 75 17.61 4.09 13.77
C GLN D 75 18.50 5.26 14.03
N ASP D 76 19.70 5.20 13.46
CA ASP D 76 20.71 6.22 13.59
C ASP D 76 20.22 7.57 13.10
N TYR D 77 19.14 8.04 13.71
CA TYR D 77 18.49 9.30 13.35
C TYR D 77 19.35 10.57 13.41
N THR D 78 19.88 11.02 12.27
CA THR D 78 20.64 12.28 12.23
C THR D 78 19.72 13.23 11.46
N GLY D 79 18.42 13.05 11.74
CA GLY D 79 17.34 13.81 11.13
C GLY D 79 17.70 14.53 9.85
N LYS D 80 17.69 15.86 9.90
CA LYS D 80 18.04 16.70 8.76
C LYS D 80 17.62 16.05 7.44
N GLU D 81 18.42 16.23 6.39
CA GLU D 81 18.08 15.63 5.12
C GLU D 81 18.99 14.47 4.76
N GLU D 82 19.32 13.63 5.74
CA GLU D 82 20.14 12.48 5.43
C GLU D 82 19.25 11.28 5.75
N GLN D 83 18.39 11.47 6.75
CA GLN D 83 17.45 10.45 7.18
C GLN D 83 16.47 10.28 6.01
N ALA D 84 16.14 11.39 5.37
CA ALA D 84 15.21 11.41 4.25
C ALA D 84 15.89 11.01 2.93
N ARG D 85 17.11 11.50 2.74
CA ARG D 85 17.87 11.19 1.54
C ARG D 85 18.22 9.70 1.46
N LEU D 86 18.67 9.12 2.57
CA LEU D 86 19.02 7.71 2.59
C LEU D 86 17.75 6.86 2.59
N GLY D 87 16.67 7.43 3.10
CA GLY D 87 15.42 6.71 3.11
C GLY D 87 14.93 6.57 1.68
N ARG D 88 15.08 7.64 0.90
CA ARG D 88 14.67 7.66 -0.50
C ARG D 88 15.53 6.73 -1.35
N CYS D 89 16.77 6.52 -0.92
CA CYS D 89 17.67 5.66 -1.67
C CYS D 89 17.39 4.19 -1.30
N LEU D 90 16.79 3.99 -0.13
CA LEU D 90 16.45 2.65 0.33
C LEU D 90 15.20 2.21 -0.42
N ASP D 91 14.31 3.17 -0.71
CA ASP D 91 13.08 2.91 -1.46
C ASP D 91 13.46 2.53 -2.88
N ASP D 92 14.49 3.17 -3.40
CA ASP D 92 14.97 2.87 -4.74
C ASP D 92 15.48 1.44 -4.81
N VAL D 93 16.25 1.03 -3.81
CA VAL D 93 16.76 -0.33 -3.79
C VAL D 93 15.59 -1.30 -3.83
N LYS D 94 14.61 -1.08 -2.97
CA LYS D 94 13.45 -1.95 -2.93
C LYS D 94 12.75 -1.99 -4.26
N GLU D 95 12.53 -0.83 -4.89
CA GLU D 95 11.88 -0.76 -6.20
C GLU D 95 12.94 -0.97 -7.27
N LYS D 96 13.11 -2.17 -7.77
CA LYS D 96 14.13 -2.32 -8.80
C LYS D 96 14.03 -3.68 -9.49
N PHE D 97 13.96 -4.75 -8.72
CA PHE D 97 13.82 -6.01 -9.31
C PHE D 97 12.48 -6.37 -8.72
N ASP D 98 11.60 -5.37 -8.83
CA ASP D 98 10.27 -5.39 -8.27
C ASP D 98 10.49 -4.61 -6.98
#